data_2E9D
#
_entry.id   2E9D
#
_cell.length_a   62.973
_cell.length_b   68.290
_cell.length_c   110.234
_cell.angle_alpha   90.00
_cell.angle_beta   90.00
_cell.angle_gamma   90.00
#
_symmetry.space_group_name_H-M   'P 21 21 21'
#
loop_
_entity.id
_entity.type
_entity.pdbx_description
1 polymer 'Undecaprenyl pyrophosphate synthetase'
2 non-polymer "[1-HYDROXY-2-(1,1':3',1''-TERPHENYL-3-YLOXY)ETHANE-1,1-DIYL]BIS(PHOSPHONIC ACID)"
3 water water
#
_entity_poly.entity_id   1
_entity_poly.type   'polypeptide(L)'
_entity_poly.pdbx_seq_one_letter_code
;MMLSATQPLSEKLPAHGCRHVAIIMDGNGRWAKKQGKIRAFGHKAGAKSVRRAVSFAANNGIEALTLYAFSSENWNRPAQ
EVSALMELFVWALDSEVKSLHRHNVRLRIIGDTSRFNSRLQERIRKSEALTAGNTGLTLNIAANYGGRWDIVQGVRQLAE
KVQQGNLQPDQIDEEMLNQHVCMHELAPVDLVIRTGGEHRISNFLLWQIAYAELYFTDVLWPDFDEQDFEGALNAFANRE
RRFGGTEPGDETA
;
_entity_poly.pdbx_strand_id   A,B
#
loop_
_chem_comp.id
_chem_comp.type
_chem_comp.name
_chem_comp.formula
B76 non-polymer '[1-HYDROXY-2-(1,1':3',1''-TERPHENYL-3-YLOXY)ETHANE-1,1-DIYL]BIS(PHOSPHONIC ACID)' 'C20 H20 O8 P2'
#
# COMPACT_ATOMS: atom_id res chain seq x y z
N HIS A 16 6.57 18.09 -14.54
CA HIS A 16 5.65 17.43 -13.57
C HIS A 16 6.30 16.73 -12.36
N GLY A 17 7.62 16.49 -12.41
CA GLY A 17 8.32 15.85 -11.29
C GLY A 17 7.79 14.46 -10.95
N CYS A 18 7.47 13.74 -12.01
CA CYS A 18 6.89 12.41 -11.94
C CYS A 18 7.73 11.53 -12.84
N ARG A 19 8.36 10.53 -12.26
CA ARG A 19 9.26 9.67 -13.02
C ARG A 19 8.70 8.31 -13.32
N HIS A 20 8.08 7.72 -12.30
CA HIS A 20 7.51 6.39 -12.44
C HIS A 20 6.00 6.44 -12.14
N VAL A 21 5.23 5.91 -13.11
CA VAL A 21 3.75 5.84 -13.04
C VAL A 21 3.30 4.41 -13.07
N ALA A 22 2.44 4.04 -12.13
CA ALA A 22 1.82 2.68 -12.07
C ALA A 22 0.26 2.82 -12.23
N ILE A 23 -0.28 2.03 -13.16
CA ILE A 23 -1.70 2.06 -13.39
C ILE A 23 -2.37 0.71 -13.22
N ILE A 24 -3.48 0.72 -12.47
CA ILE A 24 -4.30 -0.45 -12.27
C ILE A 24 -5.42 -0.17 -13.26
N MET A 25 -5.46 -0.95 -14.34
CA MET A 25 -6.45 -0.75 -15.39
C MET A 25 -7.74 -1.47 -15.09
N ASP A 26 -8.86 -0.76 -15.15
CA ASP A 26 -10.09 -1.43 -14.80
C ASP A 26 -11.33 -0.72 -15.38
N GLY A 27 -12.33 -1.52 -15.75
CA GLY A 27 -13.57 -0.98 -16.28
C GLY A 27 -13.93 -1.43 -17.69
N ASN A 28 -13.09 -2.28 -18.23
CA ASN A 28 -13.28 -2.82 -19.56
C ASN A 28 -14.59 -3.57 -19.74
N GLY A 29 -14.84 -4.51 -18.83
CA GLY A 29 -16.06 -5.30 -18.88
C GLY A 29 -17.25 -4.37 -18.74
N ARG A 30 -17.17 -3.48 -17.76
CA ARG A 30 -18.22 -2.50 -17.48
C ARG A 30 -18.42 -1.55 -18.63
N TRP A 31 -17.33 -1.16 -19.25
CA TRP A 31 -17.41 -0.26 -20.40
C TRP A 31 -18.25 -0.92 -21.52
N ALA A 32 -17.91 -2.17 -21.87
CA ALA A 32 -18.60 -2.92 -22.91
C ALA A 32 -20.09 -3.16 -22.62
N LYS A 33 -20.43 -3.59 -21.42
CA LYS A 33 -21.83 -3.75 -21.00
C LYS A 33 -22.67 -2.46 -21.31
N LYS A 34 -22.20 -1.30 -20.87
CA LYS A 34 -22.91 -0.06 -21.16
C LYS A 34 -23.19 0.17 -22.68
N GLN A 35 -22.22 -0.18 -23.53
CA GLN A 35 -22.32 -0.03 -24.97
C GLN A 35 -23.18 -1.16 -25.53
N GLY A 36 -23.63 -2.06 -24.65
CA GLY A 36 -24.41 -3.22 -25.04
C GLY A 36 -23.57 -4.30 -25.73
N LYS A 37 -22.27 -4.27 -25.48
CA LYS A 37 -21.34 -5.17 -26.09
C LYS A 37 -20.75 -6.25 -25.18
N ILE A 38 -20.14 -7.23 -25.82
CA ILE A 38 -19.51 -8.34 -25.09
C ILE A 38 -18.03 -8.08 -24.73
N ARG A 39 -17.55 -8.73 -23.64
CA ARG A 39 -16.18 -8.56 -23.17
C ARG A 39 -15.13 -8.46 -24.26
N ALA A 40 -15.17 -9.31 -25.26
CA ALA A 40 -14.17 -9.20 -26.33
C ALA A 40 -14.03 -7.75 -26.83
N PHE A 41 -15.15 -7.09 -27.07
CA PHE A 41 -15.14 -5.72 -27.57
C PHE A 41 -14.46 -4.79 -26.57
N GLY A 42 -14.66 -5.04 -25.28
CA GLY A 42 -14.06 -4.21 -24.27
C GLY A 42 -12.54 -4.36 -24.20
N HIS A 43 -12.05 -5.59 -24.28
CA HIS A 43 -10.62 -5.85 -24.25
C HIS A 43 -9.98 -5.12 -25.42
N LYS A 44 -10.66 -5.13 -26.54
CA LYS A 44 -10.14 -4.47 -27.72
C LYS A 44 -9.99 -2.99 -27.43
N ALA A 45 -11.00 -2.41 -26.78
CA ALA A 45 -10.95 -0.99 -26.48
C ALA A 45 -9.90 -0.74 -25.38
N GLY A 46 -9.72 -1.75 -24.53
CA GLY A 46 -8.76 -1.65 -23.44
C GLY A 46 -7.32 -1.61 -23.92
N ALA A 47 -7.03 -2.50 -24.89
CA ALA A 47 -5.70 -2.63 -25.48
C ALA A 47 -5.45 -1.38 -26.27
N LYS A 48 -6.49 -0.86 -26.86
CA LYS A 48 -6.35 0.33 -27.65
C LYS A 48 -5.99 1.41 -26.66
N SER A 49 -6.53 1.32 -25.45
CA SER A 49 -6.25 2.34 -24.43
C SER A 49 -4.85 2.14 -23.85
N VAL A 50 -4.36 0.92 -23.86
CA VAL A 50 -3.00 0.67 -23.37
C VAL A 50 -1.94 1.35 -24.26
N ARG A 51 -2.16 1.37 -25.58
CA ARG A 51 -1.23 1.99 -26.53
C ARG A 51 -1.23 3.47 -26.36
N ARG A 52 -2.43 4.01 -26.21
CA ARG A 52 -2.57 5.43 -26.02
C ARG A 52 -1.85 5.91 -24.75
N ALA A 53 -1.92 5.11 -23.68
CA ALA A 53 -1.28 5.45 -22.39
C ALA A 53 0.25 5.41 -22.49
N VAL A 54 0.78 4.32 -23.03
CA VAL A 54 2.21 4.25 -23.24
C VAL A 54 2.64 5.50 -24.01
N SER A 55 2.15 5.63 -25.25
CA SER A 55 2.46 6.79 -26.09
C SER A 55 2.60 8.08 -25.31
N PHE A 56 1.59 8.37 -24.50
CA PHE A 56 1.63 9.58 -23.73
C PHE A 56 2.86 9.59 -22.81
N ALA A 57 3.19 8.46 -22.21
CA ALA A 57 4.35 8.35 -21.33
C ALA A 57 5.67 8.69 -22.07
N ALA A 58 5.85 8.10 -23.26
CA ALA A 58 7.04 8.36 -24.06
C ALA A 58 7.09 9.85 -24.38
N ASN A 59 6.07 10.30 -25.10
CA ASN A 59 5.98 11.70 -25.51
C ASN A 59 5.92 12.70 -24.36
N ASN A 60 6.10 12.24 -23.13
CA ASN A 60 6.08 13.13 -21.99
C ASN A 60 7.19 12.86 -21.01
N GLY A 61 8.34 12.47 -21.55
CA GLY A 61 9.52 12.20 -20.73
C GLY A 61 9.35 11.40 -19.47
N ILE A 62 8.26 10.66 -19.38
CA ILE A 62 8.07 9.83 -18.20
C ILE A 62 9.13 8.76 -18.42
N GLU A 63 9.76 8.34 -17.32
CA GLU A 63 10.84 7.36 -17.35
C GLU A 63 10.39 5.93 -17.34
N ALA A 64 9.39 5.62 -16.53
CA ALA A 64 8.88 4.27 -16.43
C ALA A 64 7.36 4.28 -16.33
N LEU A 65 6.75 3.19 -16.80
CA LEU A 65 5.31 3.02 -16.77
C LEU A 65 5.06 1.57 -16.47
N THR A 66 4.37 1.32 -15.37
CA THR A 66 3.99 -0.04 -14.93
C THR A 66 2.46 -0.26 -14.97
N LEU A 67 2.07 -1.26 -15.72
CA LEU A 67 0.65 -1.56 -15.89
C LEU A 67 0.22 -2.87 -15.32
N TYR A 68 -0.98 -2.86 -14.75
CA TYR A 68 -1.59 -4.04 -14.15
C TYR A 68 -3.10 -4.11 -14.52
N ALA A 69 -3.46 -5.20 -15.20
CA ALA A 69 -4.85 -5.44 -15.61
C ALA A 69 -5.61 -6.11 -14.46
N PHE A 70 -6.56 -5.44 -13.84
CA PHE A 70 -7.33 -6.00 -12.71
C PHE A 70 -8.55 -6.75 -13.21
N SER A 71 -8.79 -7.92 -12.64
CA SER A 71 -9.94 -8.71 -13.00
C SER A 71 -10.91 -8.69 -11.81
N ALA A 79 -9.68 -21.63 -11.67
CA ALA A 79 -8.23 -21.37 -11.40
C ALA A 79 -7.37 -21.75 -12.59
N GLN A 80 -7.78 -22.81 -13.28
CA GLN A 80 -7.08 -23.35 -14.45
C GLN A 80 -7.03 -22.37 -15.62
N GLU A 81 -8.20 -21.81 -15.97
CA GLU A 81 -8.30 -20.84 -17.06
C GLU A 81 -7.28 -19.73 -16.90
N VAL A 82 -7.17 -19.21 -15.68
CA VAL A 82 -6.25 -18.12 -15.37
C VAL A 82 -4.89 -18.47 -15.94
N SER A 83 -4.44 -19.67 -15.63
CA SER A 83 -3.15 -20.16 -16.13
C SER A 83 -3.14 -20.13 -17.66
N ALA A 84 -4.31 -20.36 -18.26
CA ALA A 84 -4.41 -20.34 -19.73
C ALA A 84 -4.41 -18.87 -20.19
N LEU A 85 -5.28 -18.08 -19.59
CA LEU A 85 -5.37 -16.66 -19.95
C LEU A 85 -4.00 -16.02 -20.04
N MET A 86 -3.09 -16.46 -19.16
CA MET A 86 -1.73 -15.95 -19.13
C MET A 86 -0.93 -16.42 -20.33
N GLU A 87 -1.40 -17.49 -20.98
CA GLU A 87 -0.72 -18.01 -22.15
C GLU A 87 -1.12 -17.19 -23.38
N LEU A 88 -2.37 -16.75 -23.41
CA LEU A 88 -2.87 -15.93 -24.49
C LEU A 88 -2.11 -14.61 -24.41
N PHE A 89 -1.92 -14.18 -23.17
CA PHE A 89 -1.22 -12.95 -22.87
C PHE A 89 0.21 -12.95 -23.40
N VAL A 90 0.92 -14.05 -23.19
CA VAL A 90 2.30 -14.20 -23.64
C VAL A 90 2.37 -14.30 -25.16
N TRP A 91 1.35 -14.94 -25.72
CA TRP A 91 1.27 -15.13 -27.16
C TRP A 91 1.05 -13.75 -27.83
N ALA A 92 0.17 -12.93 -27.24
CA ALA A 92 -0.12 -11.59 -27.75
C ALA A 92 1.06 -10.67 -27.47
N LEU A 93 1.75 -10.96 -26.39
CA LEU A 93 2.90 -10.19 -25.98
C LEU A 93 4.07 -10.55 -26.88
N ASP A 94 3.76 -10.99 -28.08
CA ASP A 94 4.80 -11.36 -29.03
C ASP A 94 4.64 -10.52 -30.25
N SER A 95 3.38 -10.16 -30.50
CA SER A 95 3.07 -9.34 -31.64
C SER A 95 3.51 -7.90 -31.37
N GLU A 96 3.20 -7.41 -30.18
CA GLU A 96 3.50 -6.03 -29.86
C GLU A 96 4.93 -5.71 -29.49
N VAL A 97 5.75 -6.71 -29.23
CA VAL A 97 7.15 -6.47 -28.85
C VAL A 97 7.93 -5.66 -29.87
N LYS A 98 7.76 -6.06 -31.13
CA LYS A 98 8.39 -5.46 -32.29
C LYS A 98 8.05 -3.96 -32.41
N SER A 99 6.77 -3.66 -32.25
CA SER A 99 6.30 -2.30 -32.32
C SER A 99 6.90 -1.51 -31.17
N LEU A 100 7.15 -2.19 -30.04
CA LEU A 100 7.74 -1.53 -28.86
C LEU A 100 9.19 -1.16 -29.09
N HIS A 101 9.97 -2.09 -29.63
CA HIS A 101 11.36 -1.79 -29.89
C HIS A 101 11.34 -0.57 -30.78
N ARG A 102 10.57 -0.63 -31.86
CA ARG A 102 10.46 0.47 -32.80
C ARG A 102 10.11 1.84 -32.19
N HIS A 103 9.55 1.85 -30.98
CA HIS A 103 9.23 3.11 -30.33
C HIS A 103 10.18 3.43 -29.23
N ASN A 104 11.31 2.70 -29.27
CA ASN A 104 12.42 2.89 -28.35
C ASN A 104 12.00 2.68 -26.89
N VAL A 105 11.27 1.59 -26.67
CA VAL A 105 10.79 1.28 -25.35
C VAL A 105 11.48 0.05 -24.80
N ARG A 106 11.86 0.15 -23.52
CA ARG A 106 12.52 -0.94 -22.80
C ARG A 106 11.38 -1.74 -22.16
N LEU A 107 11.34 -3.04 -22.37
CA LEU A 107 10.26 -3.85 -21.80
C LEU A 107 10.66 -4.76 -20.65
N ARG A 108 9.89 -4.68 -19.56
CA ARG A 108 10.14 -5.51 -18.38
C ARG A 108 8.82 -6.19 -18.06
N ILE A 109 8.90 -7.43 -17.58
CA ILE A 109 7.72 -8.24 -17.23
C ILE A 109 7.79 -8.72 -15.78
N ILE A 110 7.11 -8.06 -14.85
CA ILE A 110 7.15 -8.49 -13.45
C ILE A 110 5.99 -9.45 -13.14
N GLY A 111 6.16 -10.31 -12.15
CA GLY A 111 5.10 -11.25 -11.83
C GLY A 111 5.68 -12.63 -11.66
N ASP A 112 4.83 -13.60 -11.29
CA ASP A 112 5.31 -14.96 -11.09
C ASP A 112 5.37 -15.75 -12.38
N THR A 113 6.39 -15.43 -13.18
CA THR A 113 6.65 -16.07 -14.46
C THR A 113 7.49 -17.34 -14.28
N SER A 114 7.64 -17.79 -13.03
CA SER A 114 8.41 -19.01 -12.71
C SER A 114 7.56 -20.27 -12.91
N ARG A 115 6.24 -20.12 -12.80
CA ARG A 115 5.32 -21.24 -12.97
C ARG A 115 4.92 -21.35 -14.45
N PHE A 116 5.47 -20.48 -15.28
CA PHE A 116 5.19 -20.46 -16.71
C PHE A 116 6.15 -21.42 -17.44
N ASN A 117 5.63 -22.14 -18.45
CA ASN A 117 6.48 -23.08 -19.18
C ASN A 117 7.73 -22.38 -19.67
N SER A 118 8.75 -23.18 -20.02
CA SER A 118 10.02 -22.65 -20.48
C SER A 118 9.97 -21.91 -21.82
N ARG A 119 8.93 -22.15 -22.63
CA ARG A 119 8.80 -21.50 -23.93
C ARG A 119 8.57 -19.99 -23.74
N LEU A 120 7.44 -19.66 -23.11
CA LEU A 120 7.05 -18.27 -22.85
C LEU A 120 8.14 -17.46 -22.12
N GLN A 121 8.93 -18.11 -21.27
CA GLN A 121 9.99 -17.47 -20.49
C GLN A 121 11.17 -16.98 -21.30
N GLU A 122 11.49 -17.71 -22.36
CA GLU A 122 12.58 -17.33 -23.24
C GLU A 122 11.94 -16.16 -24.00
N ARG A 123 10.72 -16.42 -24.49
CA ARG A 123 9.89 -15.47 -25.23
C ARG A 123 9.81 -14.14 -24.47
N ILE A 124 10.21 -14.17 -23.21
CA ILE A 124 10.18 -13.01 -22.34
C ILE A 124 11.52 -12.27 -22.27
N ARG A 125 12.57 -13.05 -21.99
CA ARG A 125 13.93 -12.53 -21.86
C ARG A 125 14.41 -12.07 -23.23
N LYS A 126 13.85 -12.70 -24.27
CA LYS A 126 14.17 -12.35 -25.64
C LYS A 126 13.78 -10.90 -25.70
N SER A 127 12.52 -10.69 -25.34
CA SER A 127 11.86 -9.40 -25.29
C SER A 127 12.64 -8.36 -24.47
N GLU A 128 12.82 -8.66 -23.20
CA GLU A 128 13.54 -7.75 -22.31
C GLU A 128 14.95 -7.53 -22.88
N ALA A 129 15.53 -8.58 -23.44
CA ALA A 129 16.88 -8.47 -24.03
C ALA A 129 16.89 -7.43 -25.14
N LEU A 130 16.05 -7.69 -26.13
CA LEU A 130 15.89 -6.86 -27.30
C LEU A 130 15.75 -5.37 -26.96
N THR A 131 14.69 -5.01 -26.24
CA THR A 131 14.46 -3.62 -25.89
C THR A 131 15.38 -3.08 -24.81
N ALA A 132 15.95 -4.00 -24.03
CA ALA A 132 16.84 -3.69 -22.91
C ALA A 132 17.65 -2.41 -22.99
N GLY A 133 18.11 -2.05 -24.19
CA GLY A 133 18.92 -0.86 -24.33
C GLY A 133 18.29 0.44 -24.82
N ASN A 134 16.97 0.55 -24.79
CA ASN A 134 16.35 1.78 -25.26
C ASN A 134 16.51 2.91 -24.25
N THR A 135 16.50 4.13 -24.78
CA THR A 135 16.64 5.35 -23.99
C THR A 135 15.28 6.03 -23.87
N GLY A 136 14.26 5.25 -24.26
CA GLY A 136 12.88 5.69 -24.18
C GLY A 136 12.33 5.24 -22.85
N LEU A 137 11.02 5.27 -22.73
CA LEU A 137 10.30 4.85 -21.52
C LEU A 137 10.55 3.37 -21.14
N THR A 138 10.57 3.09 -19.83
CA THR A 138 10.69 1.71 -19.40
C THR A 138 9.28 1.20 -19.01
N LEU A 139 8.69 0.37 -19.86
CA LEU A 139 7.38 -0.18 -19.59
C LEU A 139 7.42 -1.58 -18.87
N ASN A 140 6.66 -1.72 -17.77
CA ASN A 140 6.62 -2.99 -17.09
C ASN A 140 5.18 -3.45 -17.02
N ILE A 141 4.96 -4.69 -17.43
CA ILE A 141 3.64 -5.33 -17.47
C ILE A 141 3.55 -6.47 -16.46
N ALA A 142 2.62 -6.34 -15.52
CA ALA A 142 2.35 -7.30 -14.46
C ALA A 142 1.55 -8.49 -14.97
N ALA A 143 2.02 -9.68 -14.69
CA ALA A 143 1.30 -10.88 -15.09
C ALA A 143 1.52 -11.80 -13.90
N ASN A 144 0.44 -12.39 -13.41
CA ASN A 144 0.57 -13.25 -12.28
C ASN A 144 1.40 -12.54 -11.21
N TYR A 145 1.13 -11.24 -11.05
CA TYR A 145 1.83 -10.43 -10.08
C TYR A 145 1.01 -10.29 -8.81
N GLY A 146 1.71 -10.25 -7.68
CA GLY A 146 1.09 -10.07 -6.38
C GLY A 146 2.08 -9.15 -5.67
N GLY A 147 1.61 -8.29 -4.77
CA GLY A 147 2.53 -7.41 -4.08
C GLY A 147 3.10 -8.06 -2.82
N ARG A 148 2.32 -8.96 -2.23
CA ARG A 148 2.70 -9.74 -1.05
C ARG A 148 3.71 -10.78 -1.53
N TRP A 149 3.41 -11.39 -2.66
CA TRP A 149 4.28 -12.37 -3.31
C TRP A 149 5.57 -11.65 -3.71
N ASP A 150 5.43 -10.47 -4.28
CA ASP A 150 6.58 -9.70 -4.71
C ASP A 150 7.57 -9.61 -3.53
N ILE A 151 7.07 -9.14 -2.37
CA ILE A 151 7.83 -9.00 -1.14
C ILE A 151 8.32 -10.36 -0.71
N VAL A 152 7.45 -11.36 -0.74
CA VAL A 152 7.83 -12.71 -0.31
C VAL A 152 9.12 -13.20 -1.01
N GLN A 153 9.05 -13.24 -2.35
CA GLN A 153 10.17 -13.71 -3.14
C GLN A 153 11.44 -12.85 -2.97
N GLY A 154 11.29 -11.64 -2.43
CA GLY A 154 12.48 -10.85 -2.18
C GLY A 154 13.08 -11.41 -0.88
N VAL A 155 12.18 -11.85 -0.01
CA VAL A 155 12.48 -12.40 1.29
C VAL A 155 13.12 -13.74 1.10
N ARG A 156 12.65 -14.50 0.12
CA ARG A 156 13.23 -15.79 -0.14
C ARG A 156 14.70 -15.66 -0.55
N GLN A 157 15.03 -14.60 -1.28
CA GLN A 157 16.41 -14.38 -1.72
C GLN A 157 17.32 -14.11 -0.52
N LEU A 158 16.78 -13.45 0.50
CA LEU A 158 17.54 -13.16 1.71
C LEU A 158 17.61 -14.44 2.56
N ALA A 159 16.58 -15.27 2.47
CA ALA A 159 16.54 -16.53 3.21
C ALA A 159 17.65 -17.47 2.73
N GLU A 160 17.91 -17.43 1.43
CA GLU A 160 18.98 -18.21 0.83
C GLU A 160 20.35 -17.68 1.32
N LYS A 161 20.57 -16.37 1.25
CA LYS A 161 21.81 -15.79 1.72
C LYS A 161 22.04 -16.11 3.19
N VAL A 162 20.96 -16.25 3.96
CA VAL A 162 21.13 -16.57 5.37
C VAL A 162 21.46 -18.05 5.59
N GLN A 163 20.88 -18.91 4.75
CA GLN A 163 21.11 -20.34 4.85
C GLN A 163 22.53 -20.68 4.38
N GLN A 164 23.06 -19.89 3.44
CA GLN A 164 24.42 -20.11 2.93
C GLN A 164 25.39 -19.86 4.07
N GLY A 165 25.16 -18.79 4.84
CA GLY A 165 26.01 -18.46 5.97
C GLY A 165 26.79 -17.17 5.80
N ASN A 166 26.32 -16.31 4.90
CA ASN A 166 26.98 -15.03 4.60
C ASN A 166 26.31 -13.78 5.21
N LEU A 167 25.04 -13.91 5.59
CA LEU A 167 24.29 -12.79 6.16
C LEU A 167 23.64 -13.09 7.52
N GLN A 168 23.85 -12.16 8.46
CA GLN A 168 23.28 -12.27 9.81
C GLN A 168 21.90 -11.59 9.84
N PRO A 169 20.87 -12.32 10.31
CA PRO A 169 19.53 -11.77 10.38
C PRO A 169 19.47 -10.28 10.70
N ASP A 170 20.05 -9.90 11.83
CA ASP A 170 20.05 -8.49 12.29
C ASP A 170 20.71 -7.53 11.30
N GLN A 171 21.26 -8.07 10.24
CA GLN A 171 21.88 -7.25 9.24
C GLN A 171 20.84 -6.77 8.24
N ILE A 172 19.75 -7.53 8.08
CA ILE A 172 18.70 -7.16 7.12
C ILE A 172 17.93 -5.90 7.52
N ASP A 173 17.93 -4.92 6.62
CA ASP A 173 17.19 -3.68 6.85
C ASP A 173 16.32 -3.32 5.63
N GLU A 174 15.50 -2.28 5.77
CA GLU A 174 14.63 -1.85 4.68
C GLU A 174 15.44 -1.71 3.40
N GLU A 175 16.49 -0.93 3.50
CA GLU A 175 17.37 -0.62 2.39
C GLU A 175 17.82 -1.88 1.67
N MET A 176 18.05 -2.96 2.42
CA MET A 176 18.52 -4.20 1.85
C MET A 176 17.42 -4.87 1.08
N LEU A 177 16.28 -5.09 1.73
CA LEU A 177 15.12 -5.73 1.09
C LEU A 177 14.59 -4.94 -0.09
N ASN A 178 14.74 -3.63 -0.06
CA ASN A 178 14.28 -2.87 -1.18
C ASN A 178 15.02 -3.22 -2.47
N GLN A 179 16.23 -3.76 -2.34
CA GLN A 179 17.05 -4.14 -3.51
C GLN A 179 16.60 -5.46 -4.08
N HIS A 180 15.73 -6.16 -3.36
CA HIS A 180 15.27 -7.46 -3.81
C HIS A 180 13.83 -7.56 -4.32
N VAL A 181 13.13 -6.44 -4.32
CA VAL A 181 11.76 -6.44 -4.80
C VAL A 181 11.75 -5.92 -6.24
N CYS A 182 10.65 -6.18 -6.93
CA CYS A 182 10.46 -5.73 -8.29
C CYS A 182 10.64 -4.23 -8.50
N MET A 183 11.28 -3.92 -9.63
CA MET A 183 11.54 -2.54 -10.02
C MET A 183 12.56 -1.72 -9.16
N HIS A 184 13.46 -2.41 -8.46
CA HIS A 184 14.48 -1.79 -7.62
C HIS A 184 15.49 -0.95 -8.40
N GLU A 185 15.77 -1.39 -9.63
CA GLU A 185 16.71 -0.70 -10.49
C GLU A 185 16.12 0.60 -10.98
N LEU A 186 14.78 0.70 -10.91
CA LEU A 186 14.09 1.88 -11.38
C LEU A 186 13.75 2.96 -10.38
N ALA A 187 13.42 4.11 -10.95
CA ALA A 187 13.00 5.26 -10.18
C ALA A 187 11.84 4.76 -9.32
N PRO A 188 11.76 5.26 -8.08
CA PRO A 188 10.65 4.76 -7.28
C PRO A 188 9.30 5.28 -7.82
N VAL A 189 8.22 4.53 -7.58
CA VAL A 189 6.90 4.91 -8.04
C VAL A 189 6.49 6.21 -7.40
N ASP A 190 6.17 7.21 -8.21
CA ASP A 190 5.75 8.51 -7.70
C ASP A 190 4.26 8.62 -7.73
N LEU A 191 3.64 7.88 -8.66
CA LEU A 191 2.22 8.00 -8.83
C LEU A 191 1.49 6.75 -9.24
N VAL A 192 0.46 6.43 -8.48
CA VAL A 192 -0.37 5.28 -8.77
C VAL A 192 -1.76 5.77 -9.19
N ILE A 193 -2.18 5.35 -10.37
CA ILE A 193 -3.48 5.72 -10.89
C ILE A 193 -4.35 4.49 -11.00
N ARG A 194 -5.54 4.51 -10.39
CA ARG A 194 -6.49 3.42 -10.55
C ARG A 194 -7.76 3.88 -11.23
N THR A 195 -8.09 3.29 -12.38
CA THR A 195 -9.32 3.67 -13.09
C THR A 195 -10.43 2.69 -12.68
N GLY A 196 -11.67 3.06 -13.01
CA GLY A 196 -12.83 2.22 -12.78
C GLY A 196 -13.62 2.42 -11.52
N GLY A 197 -13.23 3.40 -10.70
CA GLY A 197 -13.98 3.67 -9.48
C GLY A 197 -13.62 3.01 -8.14
N GLU A 198 -12.96 1.87 -8.16
CA GLU A 198 -12.62 1.27 -6.90
C GLU A 198 -11.43 2.01 -6.27
N HIS A 199 -11.41 2.02 -4.94
CA HIS A 199 -10.39 2.71 -4.17
C HIS A 199 -9.60 1.73 -3.32
N ARG A 200 -9.01 0.76 -3.97
CA ARG A 200 -8.24 -0.27 -3.28
C ARG A 200 -7.01 -0.51 -4.11
N ILE A 201 -5.94 -0.95 -3.45
CA ILE A 201 -4.69 -1.30 -4.11
C ILE A 201 -4.86 -2.74 -4.61
N SER A 202 -5.71 -3.48 -3.95
CA SER A 202 -5.95 -4.84 -4.41
C SER A 202 -4.70 -5.64 -4.61
N ASN A 203 -3.74 -5.50 -3.70
CA ASN A 203 -2.52 -6.30 -3.75
C ASN A 203 -1.65 -6.18 -5.02
N PHE A 204 -1.58 -4.97 -5.55
CA PHE A 204 -0.77 -4.69 -6.70
C PHE A 204 0.44 -4.26 -5.88
N LEU A 205 1.22 -3.28 -6.31
CA LEU A 205 2.42 -2.83 -5.60
C LEU A 205 2.12 -2.49 -4.15
N LEU A 206 2.94 -3.00 -3.23
CA LEU A 206 2.75 -2.69 -1.83
C LEU A 206 4.00 -1.99 -1.37
N TRP A 207 5.10 -2.74 -1.34
CA TRP A 207 6.37 -2.20 -0.95
C TRP A 207 6.67 -0.95 -1.74
N GLN A 208 6.56 -1.04 -3.04
CA GLN A 208 6.92 0.09 -3.86
C GLN A 208 6.13 1.39 -3.76
N ILE A 209 4.96 1.36 -3.16
CA ILE A 209 4.19 2.57 -3.11
C ILE A 209 4.14 3.28 -1.76
N ALA A 210 5.14 3.05 -0.90
CA ALA A 210 5.16 3.65 0.44
C ALA A 210 5.07 5.15 0.43
N TYR A 211 5.53 5.77 -0.64
CA TYR A 211 5.49 7.22 -0.72
C TYR A 211 4.74 7.80 -1.93
N ALA A 212 4.26 6.89 -2.79
CA ALA A 212 3.52 7.25 -4.00
C ALA A 212 2.20 8.02 -3.78
N GLU A 213 1.87 8.84 -4.76
CA GLU A 213 0.65 9.62 -4.78
C GLU A 213 -0.39 8.62 -5.29
N LEU A 214 -1.57 8.59 -4.66
CA LEU A 214 -2.58 7.64 -5.08
C LEU A 214 -3.69 8.43 -5.71
N TYR A 215 -3.97 8.11 -6.96
CA TYR A 215 -4.96 8.82 -7.73
C TYR A 215 -6.03 7.85 -8.26
N PHE A 216 -7.24 8.03 -7.82
CA PHE A 216 -8.31 7.15 -8.18
C PHE A 216 -9.29 7.89 -9.07
N THR A 217 -9.74 7.26 -10.15
CA THR A 217 -10.71 7.92 -11.01
C THR A 217 -11.85 7.02 -11.46
N ASP A 218 -13.04 7.60 -11.63
CA ASP A 218 -14.18 6.84 -12.02
C ASP A 218 -14.17 6.32 -13.44
N VAL A 219 -13.50 7.08 -14.32
CA VAL A 219 -13.36 6.72 -15.72
C VAL A 219 -12.97 5.25 -15.89
N LEU A 220 -13.63 4.57 -16.84
CA LEU A 220 -13.38 3.18 -17.15
C LEU A 220 -12.20 3.21 -18.11
N TRP A 221 -11.31 2.24 -17.95
CA TRP A 221 -10.09 2.09 -18.74
C TRP A 221 -10.18 2.40 -20.27
N PRO A 222 -11.12 1.75 -21.00
CA PRO A 222 -11.15 2.08 -22.43
C PRO A 222 -11.28 3.62 -22.73
N ASP A 223 -11.94 4.38 -21.85
CA ASP A 223 -12.13 5.86 -21.99
C ASP A 223 -11.00 6.59 -21.35
N PHE A 224 -10.00 5.88 -20.85
CA PHE A 224 -8.91 6.60 -20.22
C PHE A 224 -7.94 7.14 -21.26
N ASP A 225 -7.88 8.46 -21.41
CA ASP A 225 -6.98 9.02 -22.41
C ASP A 225 -6.04 10.10 -21.98
N GLU A 226 -5.29 10.53 -22.96
CA GLU A 226 -4.28 11.52 -22.78
C GLU A 226 -4.70 12.66 -21.87
N GLN A 227 -5.90 13.17 -22.10
CA GLN A 227 -6.41 14.27 -21.30
C GLN A 227 -6.67 13.83 -19.88
N ASP A 228 -6.97 12.53 -19.71
CA ASP A 228 -7.15 11.94 -18.38
C ASP A 228 -5.74 11.67 -17.71
N PHE A 229 -4.77 11.19 -18.50
CA PHE A 229 -3.43 10.95 -17.98
C PHE A 229 -2.79 12.32 -17.62
N GLU A 230 -3.20 13.39 -18.32
CA GLU A 230 -2.70 14.73 -18.02
C GLU A 230 -3.33 15.20 -16.72
N GLY A 231 -4.64 14.99 -16.59
CA GLY A 231 -5.32 15.37 -15.35
C GLY A 231 -4.57 14.83 -14.14
N ALA A 232 -4.15 13.57 -14.18
CA ALA A 232 -3.44 13.00 -13.04
C ALA A 232 -2.03 13.54 -12.80
N LEU A 233 -1.29 13.81 -13.88
CA LEU A 233 0.07 14.32 -13.73
C LEU A 233 0.02 15.74 -13.21
N ASN A 234 -1.04 16.45 -13.55
CA ASN A 234 -1.21 17.82 -13.07
C ASN A 234 -1.63 17.74 -11.60
N ALA A 235 -2.47 16.78 -11.28
CA ALA A 235 -2.92 16.60 -9.91
C ALA A 235 -1.71 16.21 -9.05
N PHE A 236 -0.87 15.35 -9.58
CA PHE A 236 0.32 14.95 -8.85
C PHE A 236 1.25 16.15 -8.70
N ALA A 237 1.61 16.77 -9.83
CA ALA A 237 2.51 17.93 -9.85
C ALA A 237 2.06 19.01 -8.88
N ASN A 238 0.78 19.32 -8.87
CA ASN A 238 0.28 20.32 -7.96
C ASN A 238 0.28 19.85 -6.49
N ARG A 239 0.01 18.56 -6.27
CA ARG A 239 -0.02 17.98 -4.91
C ARG A 239 1.38 17.92 -4.34
N GLU A 240 2.36 18.21 -5.18
CA GLU A 240 3.77 18.21 -4.79
C GLU A 240 4.08 17.39 -3.53
N GLY B 17 -19.79 -4.92 6.77
CA GLY B 17 -19.37 -4.78 8.21
C GLY B 17 -17.88 -4.46 8.33
N CYS B 18 -17.56 -3.18 8.57
CA CYS B 18 -16.17 -2.69 8.72
C CYS B 18 -15.69 -3.06 10.12
N ARG B 19 -14.70 -3.93 10.19
CA ARG B 19 -14.23 -4.44 11.46
C ARG B 19 -12.99 -3.74 12.00
N HIS B 20 -12.13 -3.33 11.10
CA HIS B 20 -10.90 -2.70 11.45
C HIS B 20 -10.60 -1.50 10.56
N VAL B 21 -10.56 -0.36 11.22
CA VAL B 21 -10.30 0.93 10.62
C VAL B 21 -8.94 1.48 11.03
N ALA B 22 -8.22 2.00 10.03
CA ALA B 22 -6.91 2.60 10.19
C ALA B 22 -7.00 4.05 9.72
N ILE B 23 -6.51 4.94 10.56
CA ILE B 23 -6.57 6.38 10.34
C ILE B 23 -5.22 7.05 10.35
N ILE B 24 -4.95 7.88 9.35
CA ILE B 24 -3.72 8.65 9.29
C ILE B 24 -4.17 10.08 9.62
N MET B 25 -3.93 10.49 10.84
CA MET B 25 -4.31 11.79 11.36
C MET B 25 -3.32 12.81 10.79
N ASP B 26 -3.85 13.78 10.07
CA ASP B 26 -3.00 14.78 9.54
C ASP B 26 -3.67 16.18 9.50
N GLY B 27 -2.81 17.19 9.41
CA GLY B 27 -3.29 18.55 9.38
C GLY B 27 -3.59 19.20 10.72
N ASN B 28 -2.79 18.91 11.75
CA ASN B 28 -2.98 19.53 13.06
C ASN B 28 -2.31 20.91 13.01
N GLY B 29 -1.10 20.95 12.45
CA GLY B 29 -0.41 22.22 12.34
C GLY B 29 -1.11 23.17 11.38
N ARG B 30 -1.46 22.67 10.19
CA ARG B 30 -2.14 23.47 9.19
C ARG B 30 -3.36 24.06 9.84
N TRP B 31 -4.05 23.23 10.61
CA TRP B 31 -5.25 23.62 11.33
C TRP B 31 -4.99 24.82 12.26
N ALA B 32 -3.93 24.74 13.04
CA ALA B 32 -3.62 25.82 13.97
C ALA B 32 -3.46 27.10 13.15
N LYS B 33 -2.49 27.11 12.24
CA LYS B 33 -2.24 28.26 11.39
C LYS B 33 -3.52 28.95 10.91
N LYS B 34 -4.48 28.12 10.45
CA LYS B 34 -5.76 28.59 9.96
C LYS B 34 -6.50 29.44 10.98
N GLN B 35 -6.24 29.13 12.24
CA GLN B 35 -6.85 29.86 13.34
C GLN B 35 -5.92 31.04 13.62
N GLY B 36 -4.70 30.91 13.09
CA GLY B 36 -3.67 31.90 13.26
C GLY B 36 -3.02 31.65 14.61
N LYS B 37 -3.09 30.40 15.07
CA LYS B 37 -2.52 30.04 16.36
C LYS B 37 -1.24 29.24 16.21
N ILE B 38 -0.64 28.90 17.33
CA ILE B 38 0.60 28.14 17.32
C ILE B 38 0.37 26.63 17.23
N ARG B 39 1.42 25.95 16.74
CA ARG B 39 1.48 24.52 16.54
C ARG B 39 0.98 23.71 17.73
N ALA B 40 1.21 24.19 18.95
CA ALA B 40 0.75 23.48 20.15
C ALA B 40 -0.76 23.56 20.34
N PHE B 41 -1.37 24.63 19.83
CA PHE B 41 -2.80 24.79 19.97
C PHE B 41 -3.54 23.72 19.15
N GLY B 42 -2.91 23.30 18.05
CA GLY B 42 -3.50 22.28 17.18
C GLY B 42 -3.35 20.87 17.72
N HIS B 43 -2.26 20.63 18.45
CA HIS B 43 -2.02 19.32 19.02
C HIS B 43 -3.09 19.06 20.03
N LYS B 44 -3.44 20.12 20.75
CA LYS B 44 -4.49 20.05 21.78
C LYS B 44 -5.82 19.63 21.17
N ALA B 45 -6.16 20.24 20.03
CA ALA B 45 -7.41 19.93 19.35
C ALA B 45 -7.33 18.51 18.74
N GLY B 46 -6.15 18.11 18.26
CA GLY B 46 -5.97 16.80 17.69
C GLY B 46 -6.27 15.70 18.70
N ALA B 47 -5.81 15.92 19.93
CA ALA B 47 -6.01 14.98 21.01
C ALA B 47 -7.48 14.87 21.36
N LYS B 48 -8.25 15.95 21.18
CA LYS B 48 -9.68 15.87 21.49
C LYS B 48 -10.30 15.09 20.34
N SER B 49 -9.78 15.33 19.15
CA SER B 49 -10.27 14.65 17.95
C SER B 49 -9.97 13.13 18.08
N VAL B 50 -8.87 12.77 18.75
CA VAL B 50 -8.58 11.37 18.94
C VAL B 50 -9.60 10.75 19.91
N ARG B 51 -9.87 11.43 21.02
CA ARG B 51 -10.86 10.91 21.98
C ARG B 51 -12.21 10.70 21.33
N ARG B 52 -12.68 11.69 20.61
CA ARG B 52 -13.95 11.54 19.94
C ARG B 52 -13.91 10.35 18.91
N ALA B 53 -12.81 10.17 18.18
CA ALA B 53 -12.74 9.07 17.20
C ALA B 53 -12.80 7.70 17.88
N VAL B 54 -12.12 7.59 19.03
CA VAL B 54 -12.14 6.36 19.77
C VAL B 54 -13.58 6.11 20.37
N SER B 55 -14.24 7.15 20.96
CA SER B 55 -15.61 6.96 21.49
C SER B 55 -16.48 6.43 20.37
N PHE B 56 -16.39 7.09 19.23
CA PHE B 56 -17.17 6.69 18.09
C PHE B 56 -16.90 5.22 17.65
N ALA B 57 -15.63 4.89 17.42
CA ALA B 57 -15.33 3.54 16.99
C ALA B 57 -15.92 2.51 17.97
N ALA B 58 -15.77 2.76 19.26
CA ALA B 58 -16.24 1.84 20.31
C ALA B 58 -17.77 1.82 20.48
N ASN B 59 -18.40 2.97 20.37
CA ASN B 59 -19.84 3.04 20.52
C ASN B 59 -20.51 2.39 19.31
N ASN B 60 -19.74 2.17 18.23
CA ASN B 60 -20.30 1.59 17.01
C ASN B 60 -19.81 0.22 16.58
N GLY B 61 -19.44 -0.60 17.56
CA GLY B 61 -19.04 -1.95 17.23
C GLY B 61 -17.88 -2.21 16.31
N ILE B 62 -16.88 -1.33 16.29
CA ILE B 62 -15.70 -1.60 15.47
C ILE B 62 -14.76 -2.46 16.35
N GLU B 63 -14.14 -3.45 15.75
CA GLU B 63 -13.28 -4.32 16.52
C GLU B 63 -11.93 -3.73 16.85
N ALA B 64 -11.34 -3.06 15.88
CA ALA B 64 -10.02 -2.49 16.05
C ALA B 64 -9.95 -1.14 15.36
N LEU B 65 -9.17 -0.27 15.99
CA LEU B 65 -8.95 1.09 15.50
C LEU B 65 -7.43 1.34 15.57
N THR B 66 -6.83 1.69 14.45
CA THR B 66 -5.40 1.89 14.42
C THR B 66 -5.10 3.33 14.06
N LEU B 67 -4.42 4.01 14.99
CA LEU B 67 -4.10 5.42 14.80
C LEU B 67 -2.62 5.74 14.49
N TYR B 68 -2.44 6.51 13.44
CA TYR B 68 -1.12 6.89 13.03
C TYR B 68 -1.00 8.40 12.91
N ALA B 69 -0.22 8.99 13.80
CA ALA B 69 0.02 10.43 13.76
C ALA B 69 0.96 10.75 12.57
N PHE B 70 0.62 11.78 11.80
CA PHE B 70 1.48 12.12 10.67
C PHE B 70 2.21 13.43 10.90
N SER B 71 3.53 13.37 10.92
CA SER B 71 4.30 14.57 11.08
C SER B 71 5.29 14.69 9.94
N SER B 72 5.80 15.91 9.76
CA SER B 72 6.77 16.19 8.71
C SER B 72 8.11 16.68 9.28
N SER B 83 12.96 13.98 23.49
CA SER B 83 12.80 13.73 24.93
C SER B 83 11.58 14.44 25.50
N ALA B 84 11.18 15.52 24.84
CA ALA B 84 10.00 16.26 25.28
C ALA B 84 8.79 15.39 24.88
N LEU B 85 8.88 14.80 23.68
CA LEU B 85 7.82 13.97 23.17
C LEU B 85 7.70 12.70 24.00
N MET B 86 8.83 12.06 24.27
CA MET B 86 8.76 10.84 25.04
C MET B 86 8.16 11.06 26.42
N GLU B 87 8.17 12.30 26.88
CA GLU B 87 7.62 12.56 28.19
C GLU B 87 6.09 12.85 28.19
N LEU B 88 5.63 13.41 27.07
CA LEU B 88 4.22 13.66 26.95
C LEU B 88 3.59 12.28 26.75
N PHE B 89 4.38 11.37 26.18
CA PHE B 89 3.94 9.99 25.93
C PHE B 89 3.57 9.32 27.26
N VAL B 90 4.55 9.31 28.19
CA VAL B 90 4.40 8.75 29.53
C VAL B 90 3.21 9.40 30.22
N TRP B 91 3.13 10.73 30.14
CA TRP B 91 2.02 11.46 30.78
C TRP B 91 0.62 11.09 30.20
N ALA B 92 0.54 10.99 28.88
CA ALA B 92 -0.70 10.63 28.19
C ALA B 92 -1.11 9.23 28.66
N LEU B 93 -0.17 8.29 28.61
CA LEU B 93 -0.41 6.94 29.07
C LEU B 93 -0.77 6.96 30.56
N ASP B 94 -0.03 7.71 31.36
CA ASP B 94 -0.33 7.69 32.80
C ASP B 94 -1.73 8.21 33.06
N SER B 95 -2.03 9.36 32.49
CA SER B 95 -3.32 10.00 32.71
C SER B 95 -4.53 9.48 31.92
N GLU B 96 -4.30 8.81 30.79
CA GLU B 96 -5.41 8.31 29.98
C GLU B 96 -5.69 6.81 30.00
N VAL B 97 -4.81 6.01 30.56
CA VAL B 97 -5.08 4.58 30.54
C VAL B 97 -6.17 4.03 31.46
N LYS B 98 -6.42 4.69 32.60
CA LYS B 98 -7.46 4.21 33.52
C LYS B 98 -8.81 4.24 32.78
N SER B 99 -9.07 5.35 32.04
CA SER B 99 -10.31 5.57 31.28
C SER B 99 -10.48 4.55 30.18
N LEU B 100 -9.41 4.30 29.44
CA LEU B 100 -9.52 3.34 28.36
C LEU B 100 -9.90 1.99 28.95
N HIS B 101 -9.29 1.66 30.08
CA HIS B 101 -9.56 0.41 30.78
C HIS B 101 -11.01 0.33 31.28
N ARG B 102 -11.55 1.44 31.78
CA ARG B 102 -12.91 1.45 32.28
C ARG B 102 -13.81 1.23 31.07
N HIS B 103 -13.44 1.81 29.94
CA HIS B 103 -14.23 1.62 28.74
C HIS B 103 -13.98 0.33 28.07
N ASN B 104 -13.20 -0.51 28.74
CA ASN B 104 -12.95 -1.84 28.22
C ASN B 104 -12.16 -1.79 26.92
N VAL B 105 -11.23 -0.86 26.78
CA VAL B 105 -10.51 -0.84 25.53
C VAL B 105 -9.21 -1.55 25.76
N ARG B 106 -8.82 -2.31 24.76
CA ARG B 106 -7.60 -3.03 24.82
C ARG B 106 -6.54 -2.21 24.05
N LEU B 107 -5.48 -1.74 24.75
CA LEU B 107 -4.41 -0.91 24.16
C LEU B 107 -3.18 -1.64 23.62
N ARG B 108 -2.67 -1.18 22.48
CA ARG B 108 -1.44 -1.74 21.84
C ARG B 108 -0.68 -0.60 21.17
N ILE B 109 0.63 -0.66 21.29
CA ILE B 109 1.45 0.33 20.65
C ILE B 109 2.21 -0.43 19.53
N ILE B 110 2.03 -0.04 18.29
CA ILE B 110 2.79 -0.75 17.27
C ILE B 110 3.94 0.12 16.80
N GLY B 111 5.07 -0.52 16.56
CA GLY B 111 6.23 0.21 16.09
C GLY B 111 7.47 -0.14 16.88
N ASP B 112 8.60 0.49 16.53
CA ASP B 112 9.87 0.24 17.19
C ASP B 112 10.01 1.06 18.45
N THR B 113 9.78 0.41 19.57
CA THR B 113 9.83 1.05 20.87
C THR B 113 11.17 0.75 21.55
N SER B 114 12.09 0.15 20.79
CA SER B 114 13.37 -0.31 21.27
C SER B 114 14.32 0.78 21.71
N ARG B 115 14.24 1.92 21.08
CA ARG B 115 15.17 2.98 21.46
C ARG B 115 14.58 3.97 22.47
N PHE B 116 13.39 3.66 22.97
CA PHE B 116 12.73 4.53 23.93
C PHE B 116 13.35 4.20 25.27
N ASN B 117 13.51 5.20 26.12
CA ASN B 117 14.08 4.95 27.44
C ASN B 117 13.22 3.91 28.08
N SER B 118 13.82 3.15 28.97
CA SER B 118 13.15 2.06 29.62
C SER B 118 11.90 2.45 30.40
N ARG B 119 11.83 3.68 30.87
CA ARG B 119 10.63 4.03 31.62
C ARG B 119 9.44 4.02 30.61
N LEU B 120 9.57 4.73 29.50
CA LEU B 120 8.53 4.72 28.51
C LEU B 120 8.23 3.26 28.07
N GLN B 121 9.28 2.52 27.85
CA GLN B 121 9.10 1.14 27.43
C GLN B 121 8.35 0.40 28.51
N GLU B 122 8.69 0.66 29.76
CA GLU B 122 8.01 -0.01 30.85
C GLU B 122 6.55 0.45 31.03
N ARG B 123 6.25 1.73 30.81
CA ARG B 123 4.86 2.21 30.93
C ARG B 123 4.03 1.61 29.79
N ILE B 124 4.63 1.52 28.61
CA ILE B 124 3.93 0.93 27.51
C ILE B 124 3.57 -0.54 27.79
N ARG B 125 4.57 -1.30 28.22
CA ARG B 125 4.35 -2.69 28.51
C ARG B 125 3.28 -2.86 29.56
N LYS B 126 3.29 -2.01 30.58
CA LYS B 126 2.29 -2.13 31.62
C LYS B 126 0.92 -1.65 31.16
N SER B 127 0.89 -0.62 30.33
CA SER B 127 -0.39 -0.15 29.85
C SER B 127 -1.04 -1.32 29.07
N GLU B 128 -0.27 -1.97 28.21
CA GLU B 128 -0.76 -3.10 27.43
C GLU B 128 -1.19 -4.20 28.39
N ALA B 129 -0.26 -4.65 29.21
CA ALA B 129 -0.54 -5.70 30.21
C ALA B 129 -1.78 -5.36 31.07
N LEU B 130 -1.99 -4.08 31.36
CA LEU B 130 -3.14 -3.74 32.16
C LEU B 130 -4.45 -4.10 31.44
N THR B 131 -4.56 -3.66 30.20
CA THR B 131 -5.78 -3.83 29.43
C THR B 131 -5.78 -5.02 28.46
N ALA B 132 -4.74 -5.85 28.49
CA ALA B 132 -4.60 -6.99 27.55
C ALA B 132 -5.86 -7.82 27.40
N GLY B 133 -6.51 -8.05 28.55
CA GLY B 133 -7.69 -8.86 28.61
C GLY B 133 -9.06 -8.27 28.35
N ASN B 134 -9.12 -6.98 28.01
CA ASN B 134 -10.39 -6.34 27.73
C ASN B 134 -11.05 -6.93 26.46
N THR B 135 -12.36 -6.82 26.35
CA THR B 135 -13.00 -7.42 25.19
C THR B 135 -13.60 -6.36 24.30
N GLY B 136 -13.45 -5.11 24.72
CA GLY B 136 -13.98 -4.03 23.94
C GLY B 136 -13.08 -3.87 22.72
N LEU B 137 -13.06 -2.63 22.22
CA LEU B 137 -12.28 -2.22 21.05
C LEU B 137 -10.78 -2.36 21.28
N THR B 138 -10.03 -2.80 20.28
CA THR B 138 -8.57 -2.83 20.44
C THR B 138 -8.10 -1.54 19.78
N LEU B 139 -7.41 -0.69 20.54
CA LEU B 139 -6.89 0.57 20.05
C LEU B 139 -5.35 0.41 19.84
N ASN B 140 -4.94 0.44 18.59
CA ASN B 140 -3.55 0.30 18.25
C ASN B 140 -3.05 1.66 17.92
N ILE B 141 -1.99 2.08 18.64
CA ILE B 141 -1.38 3.39 18.45
C ILE B 141 -0.02 3.21 17.79
N ALA B 142 0.14 3.77 16.61
CA ALA B 142 1.43 3.67 15.91
C ALA B 142 2.42 4.52 16.69
N ALA B 143 3.61 4.01 16.95
CA ALA B 143 4.59 4.84 17.66
C ALA B 143 5.97 4.57 16.99
N ASN B 144 6.44 5.55 16.22
CA ASN B 144 7.70 5.37 15.55
C ASN B 144 7.52 4.04 14.78
N TYR B 145 6.44 4.01 14.00
CA TYR B 145 6.07 2.86 13.20
C TYR B 145 6.37 3.21 11.72
N GLY B 146 6.68 2.20 10.91
CA GLY B 146 6.94 2.42 9.51
C GLY B 146 6.45 1.14 8.89
N GLY B 147 5.80 1.20 7.74
CA GLY B 147 5.33 -0.03 7.13
C GLY B 147 6.42 -0.98 6.66
N ARG B 148 7.46 -0.43 6.06
CA ARG B 148 8.53 -1.28 5.58
C ARG B 148 9.26 -1.89 6.80
N TRP B 149 9.41 -1.10 7.85
CA TRP B 149 10.04 -1.57 9.07
C TRP B 149 9.32 -2.77 9.64
N ASP B 150 8.01 -2.68 9.63
CA ASP B 150 7.12 -3.71 10.15
C ASP B 150 7.45 -5.04 9.44
N ILE B 151 7.49 -4.98 8.11
CA ILE B 151 7.80 -6.13 7.24
C ILE B 151 9.24 -6.66 7.45
N VAL B 152 10.16 -5.73 7.60
CA VAL B 152 11.57 -6.04 7.80
C VAL B 152 11.76 -6.75 9.12
N GLN B 153 11.07 -6.31 10.18
CA GLN B 153 11.21 -6.98 11.46
C GLN B 153 10.65 -8.41 11.36
N GLY B 154 9.58 -8.55 10.60
CA GLY B 154 8.99 -9.86 10.42
C GLY B 154 10.04 -10.71 9.71
N VAL B 155 10.65 -10.13 8.67
CA VAL B 155 11.70 -10.85 7.92
C VAL B 155 12.84 -11.31 8.85
N ARG B 156 13.27 -10.44 9.75
CA ARG B 156 14.31 -10.76 10.71
C ARG B 156 13.94 -11.92 11.61
N GLN B 157 12.68 -12.04 11.99
CA GLN B 157 12.26 -13.14 12.85
C GLN B 157 12.34 -14.44 12.05
N LEU B 158 11.95 -14.37 10.79
CA LEU B 158 11.98 -15.55 9.96
C LEU B 158 13.41 -15.95 9.65
N ALA B 159 14.29 -14.97 9.52
CA ALA B 159 15.67 -15.23 9.20
C ALA B 159 16.38 -15.87 10.37
N GLU B 160 15.83 -15.73 11.57
CA GLU B 160 16.44 -16.36 12.72
C GLU B 160 16.12 -17.86 12.68
N LYS B 161 14.88 -18.18 12.28
CA LYS B 161 14.41 -19.55 12.18
C LYS B 161 15.00 -20.27 10.99
N VAL B 162 15.69 -19.51 10.12
CA VAL B 162 16.35 -20.07 8.94
C VAL B 162 17.80 -20.31 9.32
N GLN B 163 18.25 -19.57 10.32
CA GLN B 163 19.58 -19.72 10.84
C GLN B 163 19.50 -20.91 11.79
N GLN B 164 18.50 -20.87 12.67
CA GLN B 164 18.26 -21.93 13.65
C GLN B 164 18.08 -23.24 12.89
N GLY B 165 18.05 -23.16 11.56
CA GLY B 165 17.88 -24.34 10.74
C GLY B 165 16.48 -24.95 10.78
N ASN B 166 15.51 -24.27 11.40
CA ASN B 166 14.14 -24.78 11.48
C ASN B 166 13.33 -24.39 10.26
N LEU B 167 13.91 -23.61 9.37
CA LEU B 167 13.17 -23.16 8.20
C LEU B 167 13.99 -23.22 6.92
N GLN B 168 13.35 -23.57 5.80
CA GLN B 168 14.03 -23.63 4.52
C GLN B 168 13.51 -22.50 3.67
N PRO B 169 14.40 -21.76 3.00
CA PRO B 169 13.99 -20.63 2.14
C PRO B 169 12.70 -20.80 1.32
N ASP B 170 12.52 -21.92 0.64
CA ASP B 170 11.31 -22.09 -0.17
C ASP B 170 10.06 -22.52 0.60
N GLN B 171 10.14 -22.49 1.93
CA GLN B 171 8.98 -22.83 2.77
C GLN B 171 8.35 -21.51 3.23
N ILE B 172 8.92 -20.38 2.84
CA ILE B 172 8.36 -19.10 3.21
C ILE B 172 7.23 -18.83 2.21
N ASP B 173 6.07 -18.38 2.71
CA ASP B 173 4.94 -18.07 1.85
C ASP B 173 4.24 -16.80 2.40
N GLU B 174 3.25 -16.28 1.69
CA GLU B 174 2.56 -15.08 2.17
C GLU B 174 1.97 -15.30 3.55
N GLU B 175 1.37 -16.45 3.81
CA GLU B 175 0.80 -16.70 5.14
C GLU B 175 1.81 -16.72 6.27
N MET B 176 3.01 -17.17 5.97
CA MET B 176 4.03 -17.25 7.00
C MET B 176 4.52 -15.85 7.31
N LEU B 177 4.68 -15.03 6.27
CA LEU B 177 5.15 -13.68 6.48
C LEU B 177 4.06 -12.92 7.23
N ASN B 178 2.82 -13.31 6.93
CA ASN B 178 1.64 -12.73 7.53
C ASN B 178 1.52 -12.88 9.04
N GLN B 179 2.09 -13.96 9.58
CA GLN B 179 2.04 -14.25 11.02
C GLN B 179 3.04 -13.50 11.84
N HIS B 180 3.93 -12.80 11.15
CA HIS B 180 4.96 -12.02 11.81
C HIS B 180 4.91 -10.50 11.53
N VAL B 181 3.85 -10.04 10.85
CA VAL B 181 3.69 -8.61 10.62
C VAL B 181 2.75 -8.15 11.71
N CYS B 182 2.89 -6.88 12.12
CA CYS B 182 2.06 -6.29 13.16
C CYS B 182 0.55 -6.54 13.01
N MET B 183 -0.09 -6.84 14.11
CA MET B 183 -1.55 -7.08 14.18
C MET B 183 -2.05 -8.31 13.43
N HIS B 184 -1.18 -9.29 13.23
CA HIS B 184 -1.57 -10.51 12.52
C HIS B 184 -2.71 -11.21 13.26
N GLU B 185 -2.78 -10.98 14.57
CA GLU B 185 -3.80 -11.58 15.41
C GLU B 185 -5.14 -10.88 15.40
N LEU B 186 -5.24 -9.75 14.70
CA LEU B 186 -6.49 -9.02 14.62
C LEU B 186 -7.13 -9.16 13.23
N ALA B 187 -8.40 -8.79 13.17
CA ALA B 187 -9.14 -8.73 11.94
C ALA B 187 -8.37 -7.91 10.88
N PRO B 188 -8.47 -8.30 9.60
CA PRO B 188 -7.75 -7.52 8.60
C PRO B 188 -8.28 -6.09 8.52
N VAL B 189 -7.38 -5.13 8.21
CA VAL B 189 -7.71 -3.73 8.04
C VAL B 189 -8.68 -3.54 6.84
N ASP B 190 -9.87 -3.03 7.10
CA ASP B 190 -10.83 -2.84 6.03
C ASP B 190 -10.80 -1.45 5.40
N LEU B 191 -10.51 -0.46 6.22
CA LEU B 191 -10.58 0.88 5.76
C LEU B 191 -9.47 1.73 6.35
N VAL B 192 -8.82 2.45 5.45
CA VAL B 192 -7.79 3.37 5.82
C VAL B 192 -8.30 4.72 5.45
N ILE B 193 -8.43 5.56 6.48
CA ILE B 193 -8.89 6.93 6.31
C ILE B 193 -7.69 7.85 6.51
N ARG B 194 -7.49 8.79 5.59
CA ARG B 194 -6.45 9.82 5.71
C ARG B 194 -7.07 11.20 5.61
N THR B 195 -6.92 11.97 6.68
CA THR B 195 -7.44 13.32 6.78
C THR B 195 -6.35 14.23 6.40
N GLY B 196 -6.70 15.50 6.19
CA GLY B 196 -5.69 16.45 5.88
C GLY B 196 -5.41 16.70 4.43
N GLY B 197 -6.05 15.98 3.51
CA GLY B 197 -5.79 16.27 2.12
C GLY B 197 -4.71 15.62 1.30
N GLU B 198 -3.66 15.01 1.87
CA GLU B 198 -2.65 14.33 1.05
C GLU B 198 -3.18 12.93 0.69
N HIS B 199 -2.76 12.37 -0.46
CA HIS B 199 -3.23 11.06 -0.90
C HIS B 199 -2.09 10.08 -1.00
N ARG B 200 -1.50 9.81 0.15
CA ARG B 200 -0.39 8.89 0.22
C ARG B 200 -0.56 8.10 1.48
N ILE B 201 0.03 6.91 1.47
CA ILE B 201 0.00 6.06 2.64
C ILE B 201 1.15 6.51 3.55
N SER B 202 2.21 7.05 2.95
CA SER B 202 3.40 7.55 3.66
C SER B 202 4.04 6.52 4.60
N ASN B 203 4.31 5.32 4.08
CA ASN B 203 4.94 4.27 4.87
C ASN B 203 4.24 3.89 6.16
N PHE B 204 2.92 3.99 6.14
CA PHE B 204 2.06 3.53 7.22
C PHE B 204 1.85 2.04 6.81
N LEU B 205 0.82 1.38 7.32
CA LEU B 205 0.54 -0.02 7.02
C LEU B 205 0.70 -0.30 5.53
N LEU B 206 1.48 -1.32 5.18
CA LEU B 206 1.70 -1.65 3.75
C LEU B 206 1.24 -3.08 3.40
N TRP B 207 1.76 -4.07 4.16
CA TRP B 207 1.40 -5.45 3.93
C TRP B 207 -0.09 -5.59 4.24
N GLN B 208 -0.51 -4.91 5.32
CA GLN B 208 -1.87 -5.00 5.85
C GLN B 208 -3.00 -4.39 5.09
N ILE B 209 -2.70 -3.58 4.08
CA ILE B 209 -3.77 -2.92 3.36
C ILE B 209 -3.94 -3.35 1.92
N ALA B 210 -3.34 -4.48 1.55
CA ALA B 210 -3.46 -5.01 0.19
C ALA B 210 -4.93 -5.04 -0.26
N TYR B 211 -5.85 -5.25 0.69
CA TYR B 211 -7.27 -5.31 0.32
C TYR B 211 -8.15 -4.25 0.93
N ALA B 212 -7.59 -3.34 1.70
CA ALA B 212 -8.40 -2.28 2.33
C ALA B 212 -8.98 -1.23 1.41
N GLU B 213 -10.06 -0.65 1.87
CA GLU B 213 -10.76 0.44 1.19
C GLU B 213 -9.84 1.63 1.54
N LEU B 214 -9.64 2.58 0.64
CA LEU B 214 -8.80 3.73 0.96
C LEU B 214 -9.63 5.01 0.81
N TYR B 215 -9.85 5.71 1.92
CA TYR B 215 -10.67 6.93 1.94
C TYR B 215 -9.85 8.19 2.32
N PHE B 216 -9.85 9.14 1.40
CA PHE B 216 -9.14 10.41 1.54
C PHE B 216 -10.11 11.53 1.76
N THR B 217 -9.81 12.35 2.75
CA THR B 217 -10.64 13.49 3.04
C THR B 217 -9.73 14.69 3.32
N ASP B 218 -10.08 15.86 2.77
CA ASP B 218 -9.32 17.10 2.99
C ASP B 218 -9.61 17.69 4.38
N VAL B 219 -10.63 17.21 5.05
CA VAL B 219 -10.90 17.72 6.38
C VAL B 219 -9.62 17.53 7.18
N LEU B 220 -9.35 18.48 8.08
CA LEU B 220 -8.16 18.48 8.97
C LEU B 220 -8.46 17.70 10.26
N TRP B 221 -7.48 16.93 10.72
CA TRP B 221 -7.73 16.07 11.85
C TRP B 221 -8.48 16.68 13.01
N PRO B 222 -8.11 17.88 13.43
CA PRO B 222 -8.92 18.35 14.57
C PRO B 222 -10.40 18.54 14.24
N ASP B 223 -10.76 18.82 12.97
CA ASP B 223 -12.18 19.00 12.61
C ASP B 223 -12.88 17.66 12.27
N PHE B 224 -12.08 16.63 11.93
CA PHE B 224 -12.60 15.32 11.59
C PHE B 224 -13.45 14.85 12.77
N ASP B 225 -14.76 14.72 12.54
CA ASP B 225 -15.68 14.32 13.62
C ASP B 225 -16.58 13.12 13.35
N GLU B 226 -17.51 12.89 14.28
CA GLU B 226 -18.46 11.78 14.19
C GLU B 226 -19.20 11.69 12.85
N GLN B 227 -19.37 12.86 12.21
CA GLN B 227 -20.04 12.99 10.91
C GLN B 227 -19.11 12.63 9.79
N ASP B 228 -17.89 13.12 9.87
CA ASP B 228 -16.88 12.77 8.90
C ASP B 228 -16.66 11.24 8.98
N PHE B 229 -16.61 10.70 10.20
CA PHE B 229 -16.44 9.28 10.40
C PHE B 229 -17.59 8.47 9.78
N GLU B 230 -18.81 8.76 10.16
CA GLU B 230 -20.01 8.08 9.63
C GLU B 230 -20.03 8.01 8.09
N GLY B 231 -19.61 9.11 7.46
CA GLY B 231 -19.57 9.14 6.01
C GLY B 231 -18.49 8.26 5.41
N ALA B 232 -17.36 8.07 6.11
CA ALA B 232 -16.27 7.22 5.62
C ALA B 232 -16.80 5.80 5.72
N LEU B 233 -17.38 5.51 6.86
CA LEU B 233 -17.94 4.19 7.05
C LEU B 233 -19.06 3.91 6.03
N ASN B 234 -19.96 4.88 5.81
CA ASN B 234 -21.04 4.67 4.83
C ASN B 234 -20.40 4.40 3.50
N ALA B 235 -19.45 5.27 3.15
CA ALA B 235 -18.76 5.13 1.87
C ALA B 235 -18.27 3.69 1.71
N PHE B 236 -17.60 3.17 2.74
CA PHE B 236 -17.10 1.79 2.77
C PHE B 236 -18.23 0.81 2.44
N ALA B 237 -19.36 1.00 3.10
CA ALA B 237 -20.52 0.13 2.88
C ALA B 237 -21.03 0.10 1.43
N ASN B 238 -21.26 1.29 0.88
CA ASN B 238 -21.76 1.40 -0.48
C ASN B 238 -20.78 0.77 -1.49
N ARG B 239 -19.47 0.96 -1.28
CA ARG B 239 -18.44 0.43 -2.17
C ARG B 239 -18.23 -1.06 -1.97
N GLU B 240 -18.46 -1.50 -0.76
CA GLU B 240 -18.35 -2.92 -0.45
C GLU B 240 -19.51 -3.61 -1.20
N ARG B 241 -20.62 -2.87 -1.41
CA ARG B 241 -21.81 -3.33 -2.12
C ARG B 241 -21.64 -3.28 -3.66
N ARG B 242 -20.98 -2.24 -4.17
CA ARG B 242 -20.75 -2.06 -5.60
C ARG B 242 -19.59 -2.93 -6.12
N PHE B 243 -18.56 -3.11 -5.30
CA PHE B 243 -17.45 -3.97 -5.68
C PHE B 243 -17.26 -5.05 -4.61
CAN B76 C . -7.61 -11.90 -23.85
CAI B76 C . -8.28 -13.10 -23.66
CAH B76 C . -8.91 -13.37 -22.44
CAJ B76 C . -8.85 -12.43 -21.41
CAO B76 C . -8.18 -11.23 -21.61
CAX B76 C . -7.57 -10.96 -22.83
CAZ B76 C . -6.95 -9.72 -23.02
CAT B76 C . -7.08 -8.76 -22.03
CAQ B76 C . -6.29 -9.40 -24.20
CAL B76 C . -5.77 -8.12 -24.38
CAR B76 C . -5.91 -7.15 -23.40
CBA B76 C . -6.58 -7.47 -22.21
CAY B76 C . -6.87 -6.52 -21.24
CAS B76 C . -7.66 -6.92 -20.15
CAP B76 C . -6.45 -5.19 -21.34
CAK B76 C . -6.84 -4.28 -20.37
CAM B76 C . -7.63 -4.67 -19.30
CAW B76 C . -8.04 -6.00 -19.18
OAV B76 C . -8.71 -6.45 -18.08
CAU B76 C . -10.13 -6.60 -18.29
CBB B76 C . -10.57 -7.69 -17.31
PBC B76 C . -12.43 -7.73 -17.10
OAD B76 C . -12.78 -8.92 -16.08
OAE B76 C . -12.81 -6.38 -16.31
OAA B76 C . -13.17 -7.88 -18.37
PBD B76 C . -9.97 -9.34 -17.92
OAF B76 C . -10.95 -10.45 -17.29
OAG B76 C . -10.21 -9.38 -19.51
OAB B76 C . -8.54 -9.59 -17.57
OAC B76 C . -9.99 -7.39 -16.04
CAN B76 D . 2.21 -3.29 -26.39
CAI B76 D . 1.99 -3.93 -25.18
CAH B76 D . 1.78 -3.18 -24.04
CAJ B76 D . 1.80 -1.79 -24.10
CAO B76 D . 2.03 -1.15 -25.31
CAX B76 D . 2.24 -1.91 -26.46
CAZ B76 D . 2.45 -1.26 -27.67
CAT B76 D . 2.90 0.05 -27.70
CAQ B76 D . 2.17 -1.92 -28.86
CAL B76 D . 2.33 -1.25 -30.08
CAR B76 D . 2.78 0.06 -30.10
CBA B76 D . 3.06 0.72 -28.90
CAY B76 D . 3.50 2.04 -28.93
CAS B76 D . 3.24 2.83 -30.04
CAP B76 D . 4.09 2.59 -27.80
CAK B76 D . 4.43 3.93 -27.77
CAM B76 D . 4.17 4.74 -28.88
CAW B76 D . 3.56 4.19 -30.01
OAV B76 D . 3.18 4.99 -31.03
CAU B76 D . 4.04 6.12 -31.20
CBB B76 D . 3.37 7.15 -32.10
PBC B76 D . 4.62 8.45 -32.57
OAD B76 D . 3.80 9.82 -32.79
OAE B76 D . 5.53 8.68 -31.27
OAA B76 D . 5.41 8.06 -33.75
PBD B76 D . 2.67 6.33 -33.63
OAF B76 D . 3.26 7.10 -34.90
OAG B76 D . 3.27 4.84 -33.71
OAB B76 D . 1.18 6.30 -33.61
OAC B76 D . 2.31 7.76 -31.38
CAN B76 E . -7.32 8.24 25.37
CAI B76 E . -6.14 8.16 24.63
CAH B76 E . -6.18 7.94 23.25
CAJ B76 E . -7.41 7.81 22.62
CAO B76 E . -8.59 7.88 23.36
CAX B76 E . -8.54 8.09 24.73
CAZ B76 E . -9.73 8.17 25.45
CAT B76 E . -10.84 7.43 25.05
CAQ B76 E . -9.82 8.99 26.57
CAL B76 E . -11.02 9.07 27.27
CAR B76 E . -12.12 8.34 26.86
CBA B76 E . -12.04 7.50 25.76
CAY B76 E . -13.13 6.71 25.40
CAS B76 E . -14.41 7.09 25.77
CAP B76 E . -12.94 5.53 24.68
CAK B76 E . -14.03 4.74 24.33
CAM B76 E . -15.31 5.12 24.70
CAW B76 E . -15.49 6.29 25.42
OAV B76 E . -16.71 6.51 26.00
CAU B76 E . -17.38 7.68 25.51
CBB B76 E . -18.34 8.10 26.61
PBC B76 E . -19.15 9.71 26.17
OAD B76 E . -18.62 10.78 27.23
OAE B76 E . -18.52 10.08 24.73
OAA B76 E . -20.62 9.59 26.16
PBD B76 E . -19.63 6.77 26.87
OAF B76 E . -20.86 7.09 25.90
OAG B76 E . -18.98 5.39 26.34
OAB B76 E . -20.04 6.66 28.29
OAC B76 E . -17.63 8.33 27.84
#